data_4RZM
#
_entry.id   4RZM
#
_cell.length_a   140.140
_cell.length_b   140.140
_cell.length_c   198.480
_cell.angle_alpha   90.00
_cell.angle_beta   90.00
_cell.angle_gamma   90.00
#
_symmetry.space_group_name_H-M   'I 41 2 2'
#
loop_
_entity.id
_entity.type
_entity.pdbx_description
1 polymer 'Epoxide hydrolase LasB'
2 non-polymer 'Lasalocid A'
3 non-polymer GLYCEROL
4 non-polymer 'FORMIC ACID'
5 non-polymer 'SODIUM ION'
6 non-polymer 'CHLORIDE ION'
7 water water
#
_entity_poly.entity_id   1
_entity_poly.type   'polypeptide(L)'
_entity_poly.pdbx_seq_one_letter_code
;GRHMPAETVRKEVALEYCRRVNAGELEGVLQLFAPDARLVDPLGTEPVVGRAALAARLAPALRGAVHEEPGRPYAAHDGT
SVVLPATVTVGAPGAPPQRRGRTRVMGVIEVGEDGLIREMRVMWGVTDSSWTARPAPDEERRKELAREHCLRINDGDVDG
LLKLYSPRIRFEDPVGSWTRTGLEALRAHATMAVGSNVRETAGLTVAGQDGRHAAVTVSATMDYLPSGPLLARHHLMTLP
APADPHRALIGIEYVMVIGVDADGLIDEMRAYWGATDVSLLDP
;
_entity_poly.pdbx_strand_id   A,B
#
# COMPACT_ATOMS: atom_id res chain seq x y z
N GLY A 1 31.83 -0.36 -13.93
CA GLY A 1 30.36 -0.47 -13.83
C GLY A 1 29.78 -1.76 -14.41
N ARG A 2 29.05 -2.51 -13.61
CA ARG A 2 28.20 -3.59 -14.10
C ARG A 2 26.76 -3.25 -13.75
N HIS A 3 25.86 -3.47 -14.69
CA HIS A 3 24.48 -3.12 -14.53
C HIS A 3 23.65 -4.14 -15.29
N MET A 4 22.42 -4.39 -14.84
CA MET A 4 21.55 -5.27 -15.56
C MET A 4 20.79 -4.48 -16.63
N PRO A 5 20.46 -5.09 -17.74
CA PRO A 5 19.88 -4.32 -18.80
C PRO A 5 18.43 -4.00 -18.58
N ALA A 6 18.04 -2.82 -19.01
CA ALA A 6 16.69 -2.32 -18.90
C ALA A 6 15.67 -3.12 -19.72
N GLU A 7 14.43 -3.00 -19.29
CA GLU A 7 13.31 -3.67 -19.91
C GLU A 7 13.34 -3.52 -21.44
N THR A 8 13.53 -2.30 -21.94
CA THR A 8 13.47 -1.98 -23.33
C THR A 8 14.58 -2.70 -24.09
N VAL A 9 15.77 -2.75 -23.47
CA VAL A 9 16.91 -3.40 -24.03
C VAL A 9 16.66 -4.91 -24.13
N ARG A 10 16.11 -5.52 -23.07
CA ARG A 10 15.82 -6.99 -23.11
C ARG A 10 14.78 -7.33 -24.11
N LYS A 11 13.74 -6.49 -24.24
CA LYS A 11 12.72 -6.69 -25.25
C LYS A 11 13.35 -6.70 -26.66
N GLU A 12 14.23 -5.73 -26.88
CA GLU A 12 14.89 -5.60 -28.17
C GLU A 12 15.83 -6.75 -28.49
N VAL A 13 16.55 -7.24 -27.47
CA VAL A 13 17.42 -8.41 -27.68
C VAL A 13 16.58 -9.60 -28.09
N ALA A 14 15.39 -9.78 -27.50
CA ALA A 14 14.59 -10.96 -27.87
C ALA A 14 14.13 -10.83 -29.33
N LEU A 15 13.71 -9.64 -29.74
CA LEU A 15 13.26 -9.43 -31.11
C LEU A 15 14.45 -9.61 -32.07
N GLU A 16 15.64 -9.22 -31.63
CA GLU A 16 16.80 -9.24 -32.49
C GLU A 16 17.23 -10.69 -32.70
N TYR A 17 17.02 -11.54 -31.69
CA TYR A 17 17.30 -12.95 -31.84
C TYR A 17 16.49 -13.44 -33.06
N CYS A 18 15.21 -13.08 -33.12
CA CYS A 18 14.34 -13.54 -34.22
C CYS A 18 14.77 -13.02 -35.54
N ARG A 19 15.09 -11.72 -35.62
CA ARG A 19 15.60 -11.09 -36.88
C ARG A 19 16.88 -11.80 -37.39
N ARG A 20 17.80 -12.15 -36.48
CA ARG A 20 19.00 -12.85 -36.90
C ARG A 20 18.79 -14.31 -37.28
N VAL A 21 17.92 -15.03 -36.59
CA VAL A 21 17.55 -16.36 -37.02
C VAL A 21 16.99 -16.26 -38.42
N ASN A 22 16.11 -15.28 -38.65
CA ASN A 22 15.49 -15.11 -39.98
C ASN A 22 16.50 -14.67 -41.05
N ALA A 23 17.55 -13.95 -40.69
CA ALA A 23 18.50 -13.48 -41.69
C ALA A 23 19.38 -14.65 -42.11
N GLY A 24 19.42 -15.72 -41.33
CA GLY A 24 20.17 -16.94 -41.73
C GLY A 24 21.69 -16.95 -41.50
N GLU A 25 22.24 -16.00 -40.76
CA GLU A 25 23.71 -15.95 -40.55
C GLU A 25 24.02 -16.44 -39.14
N LEU A 26 24.52 -17.66 -39.06
CA LEU A 26 24.76 -18.33 -37.80
C LEU A 26 25.68 -17.51 -36.91
N GLU A 27 26.76 -16.96 -37.46
CA GLU A 27 27.66 -16.22 -36.59
C GLU A 27 26.94 -15.05 -35.91
N GLY A 28 25.96 -14.45 -36.60
CA GLY A 28 25.19 -13.31 -36.06
C GLY A 28 24.34 -13.78 -34.88
N VAL A 29 23.77 -14.97 -35.02
CA VAL A 29 22.95 -15.51 -33.98
C VAL A 29 23.83 -15.79 -32.77
N LEU A 30 25.00 -16.38 -32.99
CA LEU A 30 25.80 -16.85 -31.85
C LEU A 30 26.33 -15.69 -31.01
N GLN A 31 26.60 -14.57 -31.66
CA GLN A 31 27.15 -13.42 -30.95
C GLN A 31 26.12 -12.77 -30.01
N LEU A 32 24.83 -13.17 -30.11
CA LEU A 32 23.80 -12.75 -29.17
C LEU A 32 23.75 -13.55 -27.85
N PHE A 33 24.41 -14.68 -27.81
CA PHE A 33 24.46 -15.51 -26.64
C PHE A 33 25.76 -15.29 -25.85
N ALA A 34 25.70 -15.39 -24.52
CA ALA A 34 26.86 -15.47 -23.67
C ALA A 34 27.67 -16.71 -24.07
N PRO A 35 28.95 -16.73 -23.75
CA PRO A 35 29.78 -17.81 -24.12
C PRO A 35 29.35 -19.11 -23.53
N ASP A 36 28.76 -19.06 -22.35
CA ASP A 36 28.33 -20.29 -21.66
CA ASP A 36 28.30 -20.26 -21.62
C ASP A 36 26.78 -20.33 -21.53
N ALA A 37 26.09 -19.67 -22.45
CA ALA A 37 24.64 -19.64 -22.49
C ALA A 37 24.06 -21.05 -22.45
N ARG A 38 22.81 -21.18 -21.96
CA ARG A 38 22.03 -22.44 -21.97
C ARG A 38 20.75 -22.33 -22.76
N LEU A 39 20.51 -23.28 -23.63
CA LEU A 39 19.29 -23.38 -24.38
C LEU A 39 18.58 -24.69 -24.02
N VAL A 40 17.29 -24.61 -23.76
CA VAL A 40 16.45 -25.76 -23.51
C VAL A 40 15.32 -25.57 -24.51
N ASP A 41 15.25 -26.49 -25.47
CA ASP A 41 14.28 -26.45 -26.57
C ASP A 41 14.02 -27.84 -27.13
N PRO A 42 12.84 -28.44 -26.84
CA PRO A 42 11.77 -28.02 -25.96
C PRO A 42 12.07 -28.21 -24.47
N LEU A 43 11.42 -27.39 -23.64
CA LEU A 43 11.43 -27.54 -22.19
C LEU A 43 11.08 -29.01 -21.92
N GLY A 44 11.87 -29.67 -21.08
CA GLY A 44 11.79 -31.12 -20.91
C GLY A 44 12.97 -31.93 -21.46
N THR A 45 13.77 -31.32 -22.29
CA THR A 45 14.95 -32.00 -22.83
C THR A 45 16.20 -31.40 -22.22
N GLU A 46 17.32 -32.02 -22.58
CA GLU A 46 18.63 -31.74 -21.99
C GLU A 46 19.10 -30.36 -22.45
N PRO A 47 19.66 -29.58 -21.54
CA PRO A 47 20.19 -28.28 -21.96
C PRO A 47 21.33 -28.43 -22.97
N VAL A 48 21.43 -27.47 -23.88
CA VAL A 48 22.54 -27.32 -24.84
C VAL A 48 23.29 -26.17 -24.20
N VAL A 49 24.58 -26.36 -23.93
CA VAL A 49 25.35 -25.43 -23.11
C VAL A 49 26.60 -24.92 -23.83
N GLY A 50 26.63 -23.63 -24.09
CA GLY A 50 27.82 -22.97 -24.65
C GLY A 50 27.72 -22.75 -26.12
N ARG A 51 28.49 -21.79 -26.65
CA ARG A 51 28.31 -21.44 -28.07
C ARG A 51 28.61 -22.56 -29.09
N ALA A 52 29.60 -23.40 -28.83
CA ALA A 52 29.88 -24.51 -29.69
C ALA A 52 28.64 -25.39 -29.79
N ALA A 53 28.07 -25.79 -28.69
CA ALA A 53 26.94 -26.73 -28.74
C ALA A 53 25.73 -25.99 -29.32
N LEU A 54 25.65 -24.70 -29.11
CA LEU A 54 24.55 -23.94 -29.74
C LEU A 54 24.72 -23.86 -31.25
N ALA A 55 25.94 -23.70 -31.72
CA ALA A 55 26.21 -23.70 -33.16
C ALA A 55 25.79 -25.01 -33.75
N ALA A 56 25.99 -26.12 -33.03
CA ALA A 56 25.63 -27.46 -33.59
C ALA A 56 24.11 -27.66 -33.69
N ARG A 57 23.39 -27.11 -32.73
CA ARG A 57 21.95 -27.22 -32.68
C ARG A 57 21.34 -26.26 -33.68
N LEU A 58 21.85 -25.06 -33.82
CA LEU A 58 21.18 -24.08 -34.72
C LEU A 58 21.56 -24.16 -36.19
N ALA A 59 22.74 -24.69 -36.49
CA ALA A 59 23.21 -24.77 -37.86
C ALA A 59 22.19 -25.44 -38.77
N PRO A 60 21.70 -26.65 -38.40
CA PRO A 60 20.70 -27.32 -39.25
C PRO A 60 19.39 -26.55 -39.40
N ALA A 61 18.90 -25.96 -38.31
CA ALA A 61 17.67 -25.19 -38.41
C ALA A 61 17.82 -23.99 -39.39
N LEU A 62 19.00 -23.34 -39.44
CA LEU A 62 19.16 -22.18 -40.33
C LEU A 62 19.30 -22.59 -41.80
N ARG A 63 19.85 -23.78 -42.03
CA ARG A 63 19.96 -24.37 -43.35
C ARG A 63 18.58 -24.76 -43.85
N GLY A 64 17.70 -25.15 -42.93
CA GLY A 64 16.32 -25.50 -43.34
C GLY A 64 15.42 -24.27 -43.33
N ALA A 65 16.00 -23.07 -43.24
CA ALA A 65 15.27 -21.84 -43.43
C ALA A 65 14.19 -21.70 -42.35
N VAL A 66 14.54 -21.95 -41.08
CA VAL A 66 13.58 -21.75 -40.04
C VAL A 66 13.19 -20.27 -40.11
N HIS A 67 11.95 -19.96 -39.75
CA HIS A 67 11.49 -18.58 -39.67
C HIS A 67 10.78 -18.40 -38.34
N GLU A 68 11.13 -17.34 -37.60
CA GLU A 68 10.48 -17.00 -36.33
C GLU A 68 9.74 -15.68 -36.45
N GLU A 69 8.41 -15.76 -36.38
CA GLU A 69 7.52 -14.64 -36.41
C GLU A 69 7.22 -14.24 -34.96
N PRO A 70 7.93 -13.23 -34.44
CA PRO A 70 7.71 -12.78 -33.08
C PRO A 70 6.34 -12.16 -32.82
N GLY A 71 5.79 -12.43 -31.66
CA GLY A 71 4.66 -11.66 -31.15
C GLY A 71 5.18 -10.47 -30.34
N ARG A 72 4.40 -10.11 -29.33
CA ARG A 72 4.71 -9.06 -28.37
C ARG A 72 5.61 -9.57 -27.24
N PRO A 73 6.78 -8.94 -27.04
CA PRO A 73 7.59 -9.31 -25.91
C PRO A 73 7.07 -8.76 -24.56
N TYR A 74 7.36 -9.48 -23.48
CA TYR A 74 6.93 -9.09 -22.16
C TYR A 74 8.18 -9.01 -21.31
N ALA A 75 8.29 -8.00 -20.45
CA ALA A 75 9.48 -7.88 -19.59
C ALA A 75 9.16 -8.40 -18.15
N ALA A 76 9.92 -7.92 -17.19
CA ALA A 76 9.83 -8.27 -15.77
C ALA A 76 10.58 -7.22 -15.02
N HIS A 77 10.55 -7.31 -13.70
CA HIS A 77 11.28 -6.41 -12.84
C HIS A 77 12.49 -7.09 -12.22
N ASP A 78 12.96 -8.22 -12.74
CA ASP A 78 14.19 -8.89 -12.19
C ASP A 78 15.50 -8.49 -12.88
N GLY A 79 15.45 -7.51 -13.78
CA GLY A 79 16.68 -7.07 -14.48
C GLY A 79 17.17 -8.06 -15.56
N THR A 80 16.43 -9.13 -15.83
CA THR A 80 16.95 -10.16 -16.70
C THR A 80 15.93 -10.86 -17.61
N SER A 81 14.69 -11.01 -17.19
CA SER A 81 13.75 -11.86 -17.93
C SER A 81 13.02 -11.12 -19.00
N VAL A 82 12.76 -11.82 -20.12
CA VAL A 82 11.87 -11.35 -21.16
C VAL A 82 11.19 -12.58 -21.73
N VAL A 83 9.90 -12.47 -22.06
CA VAL A 83 9.17 -13.61 -22.58
C VAL A 83 8.66 -13.19 -23.94
N LEU A 84 8.92 -14.01 -24.96
CA LEU A 84 8.48 -13.72 -26.31
C LEU A 84 7.76 -14.88 -26.98
N PRO A 85 6.41 -14.80 -27.13
CA PRO A 85 5.67 -15.72 -27.99
C PRO A 85 6.08 -15.55 -29.45
N ALA A 86 6.06 -16.63 -30.21
CA ALA A 86 6.43 -16.62 -31.62
C ALA A 86 5.81 -17.82 -32.28
N THR A 87 5.69 -17.71 -33.60
CA THR A 87 5.31 -18.80 -34.49
C THR A 87 6.53 -19.19 -35.31
N VAL A 88 6.94 -20.44 -35.20
CA VAL A 88 8.12 -20.97 -35.84
C VAL A 88 7.67 -21.87 -37.01
N THR A 89 8.07 -21.50 -38.25
CA THR A 89 7.78 -22.25 -39.48
C THR A 89 9.09 -22.75 -40.13
N VAL A 90 9.05 -23.85 -40.87
CA VAL A 90 10.30 -24.54 -41.39
C VAL A 90 10.14 -25.38 -42.65
N ARG A 100 8.03 -29.14 -43.60
CA ARG A 100 6.74 -28.55 -43.27
C ARG A 100 6.60 -28.38 -41.78
N GLY A 101 5.90 -27.34 -41.31
CA GLY A 101 5.57 -27.19 -39.90
C GLY A 101 5.27 -25.75 -39.42
N ARG A 102 4.31 -25.62 -38.49
CA ARG A 102 4.06 -24.38 -37.72
C ARG A 102 4.03 -24.83 -36.28
N THR A 103 4.77 -24.15 -35.44
CA THR A 103 4.80 -24.40 -34.03
C THR A 103 4.61 -23.09 -33.31
N ARG A 104 3.74 -23.03 -32.29
CA ARG A 104 3.63 -21.83 -31.44
C ARG A 104 4.49 -22.06 -30.21
N VAL A 105 5.31 -21.08 -29.87
CA VAL A 105 6.25 -21.24 -28.76
C VAL A 105 6.17 -19.99 -27.92
N MET A 106 6.70 -20.09 -26.72
CA MET A 106 7.01 -18.92 -25.91
C MET A 106 8.42 -19.11 -25.43
N GLY A 107 9.31 -18.19 -25.81
CA GLY A 107 10.68 -18.23 -25.33
C GLY A 107 10.77 -17.45 -24.04
N VAL A 108 11.24 -18.12 -23.00
CA VAL A 108 11.54 -17.49 -21.75
C VAL A 108 13.03 -17.29 -21.76
N ILE A 109 13.47 -16.04 -21.73
CA ILE A 109 14.85 -15.68 -21.98
C ILE A 109 15.41 -14.90 -20.78
N GLU A 110 16.65 -15.14 -20.40
CA GLU A 110 17.35 -14.30 -19.47
C GLU A 110 18.51 -13.64 -20.14
N VAL A 111 18.54 -12.32 -20.06
CA VAL A 111 19.58 -11.51 -20.63
C VAL A 111 20.51 -11.08 -19.50
N GLY A 112 21.80 -11.25 -19.72
CA GLY A 112 22.76 -10.92 -18.71
C GLY A 112 23.25 -9.51 -18.81
N GLU A 113 24.31 -9.26 -18.06
CA GLU A 113 24.77 -7.92 -17.76
C GLU A 113 25.53 -7.31 -18.91
N ASP A 114 26.04 -8.17 -19.79
CA ASP A 114 26.67 -7.74 -21.02
C ASP A 114 25.63 -7.59 -22.16
N GLY A 115 24.34 -7.71 -21.90
CA GLY A 115 23.37 -7.55 -22.98
C GLY A 115 23.15 -8.83 -23.76
N LEU A 116 23.81 -9.94 -23.37
CA LEU A 116 23.76 -11.19 -24.09
C LEU A 116 22.83 -12.23 -23.43
N ILE A 117 22.25 -13.10 -24.25
CA ILE A 117 21.32 -14.12 -23.75
C ILE A 117 22.10 -15.18 -22.98
N ARG A 118 21.85 -15.25 -21.68
CA ARG A 118 22.49 -16.20 -20.75
C ARG A 118 21.68 -17.48 -20.83
N GLU A 119 20.38 -17.35 -21.06
CA GLU A 119 19.56 -18.51 -21.05
C GLU A 119 18.28 -18.38 -21.84
N MET A 120 17.85 -19.46 -22.46
CA MET A 120 16.68 -19.45 -23.30
C MET A 120 15.97 -20.77 -23.18
N ARG A 121 14.74 -20.72 -22.73
CA ARG A 121 13.91 -21.91 -22.51
C ARG A 121 12.66 -21.79 -23.37
N VAL A 122 12.52 -22.65 -24.36
CA VAL A 122 11.50 -22.49 -25.36
C VAL A 122 10.37 -23.46 -24.99
N MET A 123 9.23 -22.90 -24.60
CA MET A 123 8.14 -23.72 -24.19
C MET A 123 7.24 -23.91 -25.39
N TRP A 124 7.01 -25.17 -25.70
CA TRP A 124 6.09 -25.62 -26.71
C TRP A 124 5.88 -27.14 -26.53
N GLY A 125 4.67 -27.59 -26.81
CA GLY A 125 4.37 -29.01 -26.64
C GLY A 125 4.01 -29.64 -27.95
N VAL A 126 3.78 -30.96 -27.95
CA VAL A 126 3.37 -31.62 -29.17
C VAL A 126 2.05 -31.00 -29.61
N THR A 127 1.20 -30.60 -28.67
CA THR A 127 -0.10 -30.04 -29.04
C THR A 127 -0.04 -28.57 -29.45
N ASP A 128 1.13 -27.96 -29.45
CA ASP A 128 1.30 -26.62 -30.04
C ASP A 128 1.91 -26.65 -31.43
N SER A 129 2.05 -27.86 -31.97
CA SER A 129 2.83 -28.04 -33.18
C SER A 129 2.07 -28.79 -34.26
N SER A 130 2.08 -28.24 -35.49
CA SER A 130 1.39 -28.86 -36.61
C SER A 130 2.17 -30.02 -37.21
N TRP A 131 3.45 -30.15 -36.87
CA TRP A 131 4.25 -31.22 -37.47
C TRP A 131 4.23 -32.52 -36.70
N THR A 132 3.44 -32.62 -35.63
CA THR A 132 3.32 -33.90 -34.91
C THR A 132 1.90 -33.98 -34.37
N ALA A 133 1.28 -35.09 -34.60
CA ALA A 133 -0.06 -35.42 -34.12
C ALA A 133 -0.01 -36.41 -32.94
N ARG A 134 1.15 -36.54 -32.24
CA ARG A 134 1.15 -37.42 -31.04
C ARG A 134 0.20 -36.79 -30.01
N PRO A 135 -0.57 -37.63 -29.30
CA PRO A 135 -1.51 -37.04 -28.33
C PRO A 135 -0.74 -36.71 -27.05
N ALA A 136 -1.14 -35.62 -26.39
CA ALA A 136 -0.52 -35.29 -25.12
C ALA A 136 -1.64 -34.72 -24.27
N PRO A 137 -2.50 -35.58 -23.75
CA PRO A 137 -3.63 -35.05 -22.97
C PRO A 137 -3.20 -34.22 -21.75
N ASP A 138 -2.06 -34.56 -21.16
CA ASP A 138 -1.50 -33.78 -20.03
C ASP A 138 -1.17 -32.33 -20.42
N GLU A 139 -0.60 -32.12 -21.61
CA GLU A 139 -0.39 -30.78 -22.15
C GLU A 139 -1.70 -30.01 -22.16
N GLU A 140 -2.76 -30.62 -22.71
CA GLU A 140 -4.04 -29.92 -22.90
C GLU A 140 -4.67 -29.60 -21.54
N ARG A 141 -4.51 -30.51 -20.58
CA ARG A 141 -5.00 -30.29 -19.21
C ARG A 141 -4.30 -29.08 -18.55
N ARG A 142 -3.00 -28.94 -18.77
CA ARG A 142 -2.25 -27.84 -18.17
C ARG A 142 -2.62 -26.53 -18.77
N LYS A 143 -2.77 -26.49 -20.09
CA LYS A 143 -3.17 -25.26 -20.78
C LYS A 143 -4.57 -24.84 -20.34
N GLU A 144 -5.43 -25.83 -20.19
CA GLU A 144 -6.77 -25.57 -19.70
C GLU A 144 -6.75 -25.05 -18.23
N LEU A 145 -5.86 -25.56 -17.37
CA LEU A 145 -5.72 -25.00 -16.00
C LEU A 145 -5.29 -23.54 -16.04
N ALA A 146 -4.38 -23.19 -16.96
CA ALA A 146 -3.91 -21.78 -17.05
C ALA A 146 -5.07 -20.90 -17.43
N ARG A 147 -5.87 -21.34 -18.38
CA ARG A 147 -7.01 -20.58 -18.86
C ARG A 147 -8.01 -20.47 -17.76
N GLU A 148 -8.08 -21.53 -16.94
CA GLU A 148 -9.13 -21.66 -15.91
C GLU A 148 -8.91 -20.68 -14.79
N HIS A 149 -7.64 -20.44 -14.48
CA HIS A 149 -7.26 -19.45 -13.51
C HIS A 149 -7.93 -18.14 -13.83
N CYS A 150 -7.89 -17.77 -15.12
CA CYS A 150 -8.40 -16.48 -15.55
C CYS A 150 -9.93 -16.46 -15.44
N LEU A 151 -10.58 -17.56 -15.79
CA LEU A 151 -12.05 -17.59 -15.77
C LEU A 151 -12.56 -17.48 -14.35
N ARG A 152 -11.86 -18.14 -13.44
CA ARG A 152 -12.27 -18.07 -12.04
C ARG A 152 -12.00 -16.68 -11.41
N ILE A 153 -10.94 -15.97 -11.83
CA ILE A 153 -10.77 -14.56 -11.39
C ILE A 153 -11.92 -13.69 -11.94
N ASN A 154 -12.27 -13.90 -13.22
CA ASN A 154 -13.28 -13.08 -13.87
C ASN A 154 -14.65 -13.24 -13.24
N ASP A 155 -14.94 -14.45 -12.80
CA ASP A 155 -16.20 -14.78 -12.22
C ASP A 155 -16.25 -14.44 -10.74
N GLY A 156 -15.14 -14.01 -10.15
CA GLY A 156 -15.15 -13.62 -8.75
C GLY A 156 -15.17 -14.82 -7.81
N ASP A 157 -14.69 -15.95 -8.31
CA ASP A 157 -14.81 -17.22 -7.63
C ASP A 157 -13.43 -17.57 -7.03
N VAL A 158 -13.13 -16.94 -5.90
CA VAL A 158 -11.88 -17.14 -5.17
C VAL A 158 -11.72 -18.58 -4.65
N ASP A 159 -12.76 -19.13 -4.01
CA ASP A 159 -12.74 -20.50 -3.50
C ASP A 159 -12.41 -21.48 -4.62
N GLY A 160 -13.04 -21.28 -5.78
CA GLY A 160 -12.78 -22.11 -6.94
C GLY A 160 -11.38 -21.98 -7.48
N LEU A 161 -10.85 -20.78 -7.48
CA LEU A 161 -9.48 -20.53 -7.96
C LEU A 161 -8.52 -21.33 -7.09
N LEU A 162 -8.64 -21.21 -5.76
CA LEU A 162 -7.77 -21.94 -4.87
C LEU A 162 -7.82 -23.44 -5.09
N LYS A 163 -8.97 -23.98 -5.47
CA LYS A 163 -9.06 -25.43 -5.75
C LYS A 163 -8.07 -25.94 -6.81
N LEU A 164 -7.59 -25.02 -7.67
CA LEU A 164 -6.63 -25.34 -8.73
C LEU A 164 -5.19 -25.48 -8.26
N TYR A 165 -4.92 -24.97 -7.06
CA TYR A 165 -3.55 -24.72 -6.54
C TYR A 165 -3.21 -25.67 -5.38
N SER A 166 -1.96 -26.12 -5.29
CA SER A 166 -1.48 -26.91 -4.17
C SER A 166 -1.28 -26.06 -2.93
N PRO A 167 -1.38 -26.65 -1.73
CA PRO A 167 -1.09 -25.86 -0.55
C PRO A 167 0.36 -25.43 -0.51
N ARG A 168 1.24 -26.08 -1.28
CA ARG A 168 2.68 -25.74 -1.34
C ARG A 168 3.02 -24.62 -2.34
N ILE A 169 2.00 -24.03 -2.96
CA ILE A 169 2.19 -23.01 -3.96
C ILE A 169 3.18 -21.90 -3.54
N ARG A 170 4.11 -21.63 -4.45
CA ARG A 170 5.05 -20.53 -4.41
C ARG A 170 4.72 -19.73 -5.70
N PHE A 171 4.39 -18.45 -5.58
CA PHE A 171 4.11 -17.62 -6.71
C PHE A 171 4.80 -16.26 -6.61
N GLU A 172 5.06 -15.66 -7.78
CA GLU A 172 5.82 -14.43 -7.90
C GLU A 172 5.12 -13.60 -8.97
N ASP A 173 4.59 -12.45 -8.58
CA ASP A 173 3.87 -11.58 -9.49
C ASP A 173 4.09 -10.15 -9.02
N PRO A 174 4.83 -9.37 -9.80
CA PRO A 174 5.62 -9.69 -10.98
C PRO A 174 6.93 -10.39 -10.69
N VAL A 175 7.45 -11.08 -11.72
CA VAL A 175 8.75 -11.63 -11.66
C VAL A 175 9.67 -10.48 -11.35
N GLY A 176 10.48 -10.67 -10.35
CA GLY A 176 11.29 -9.61 -9.82
C GLY A 176 10.82 -9.06 -8.47
N SER A 177 9.73 -9.54 -7.93
CA SER A 177 9.31 -9.15 -6.58
C SER A 177 9.56 -10.31 -5.59
N TRP A 178 8.93 -10.32 -4.43
CA TRP A 178 9.01 -11.49 -3.51
C TRP A 178 8.24 -12.68 -3.98
N THR A 179 8.82 -13.83 -3.79
CA THR A 179 8.09 -15.06 -3.94
C THR A 179 7.13 -15.20 -2.75
N ARG A 180 5.85 -15.37 -3.03
CA ARG A 180 4.79 -15.51 -2.01
C ARG A 180 4.48 -16.99 -1.89
N THR A 181 4.14 -17.45 -0.68
CA THR A 181 3.86 -18.87 -0.41
C THR A 181 2.53 -19.06 0.27
N GLY A 182 1.77 -20.03 -0.22
CA GLY A 182 0.65 -20.61 0.53
C GLY A 182 -0.68 -20.15 0.00
N LEU A 183 -1.73 -20.92 0.28
CA LEU A 183 -3.07 -20.55 -0.17
C LEU A 183 -3.55 -19.21 0.45
N GLU A 184 -3.09 -18.84 1.64
CA GLU A 184 -3.61 -17.59 2.24
C GLU A 184 -3.12 -16.36 1.46
N ALA A 185 -1.85 -16.33 1.08
CA ALA A 185 -1.32 -15.24 0.25
C ALA A 185 -2.01 -15.19 -1.11
N LEU A 186 -2.28 -16.35 -1.70
CA LEU A 186 -2.97 -16.38 -2.99
C LEU A 186 -4.42 -15.95 -2.84
N ARG A 187 -5.03 -16.32 -1.72
CA ARG A 187 -6.38 -15.91 -1.47
C ARG A 187 -6.44 -14.38 -1.39
N ALA A 188 -5.46 -13.81 -0.71
CA ALA A 188 -5.48 -12.38 -0.55
C ALA A 188 -5.30 -11.68 -1.90
N HIS A 189 -4.51 -12.25 -2.79
CA HIS A 189 -4.33 -11.64 -4.11
C HIS A 189 -5.64 -11.67 -4.89
N ALA A 190 -6.27 -12.82 -4.93
CA ALA A 190 -7.42 -12.95 -5.76
C ALA A 190 -8.59 -12.18 -5.19
N THR A 191 -8.66 -12.06 -3.86
CA THR A 191 -9.73 -11.28 -3.25
C THR A 191 -9.59 -9.80 -3.63
N MET A 192 -8.37 -9.29 -3.64
CA MET A 192 -8.10 -7.93 -4.10
C MET A 192 -8.43 -7.70 -5.61
N ALA A 193 -8.11 -8.68 -6.44
CA ALA A 193 -8.40 -8.62 -7.87
C ALA A 193 -9.87 -8.48 -8.07
N VAL A 194 -10.64 -9.31 -7.37
CA VAL A 194 -12.06 -9.25 -7.49
C VAL A 194 -12.59 -7.88 -7.01
N GLY A 195 -12.00 -7.34 -5.94
CA GLY A 195 -12.40 -6.00 -5.44
C GLY A 195 -12.04 -4.86 -6.41
N SER A 196 -11.01 -5.06 -7.24
CA SER A 196 -10.61 -4.07 -8.24
C SER A 196 -11.19 -4.38 -9.62
N ASN A 197 -12.23 -5.23 -9.64
CA ASN A 197 -12.86 -5.71 -10.86
C ASN A 197 -11.91 -6.16 -11.97
N VAL A 198 -10.90 -6.92 -11.60
CA VAL A 198 -10.00 -7.44 -12.56
C VAL A 198 -10.71 -8.33 -13.57
N ARG A 199 -10.34 -8.13 -14.83
CA ARG A 199 -10.73 -9.01 -15.89
C ARG A 199 -9.45 -9.44 -16.58
N GLU A 200 -9.21 -10.74 -16.55
CA GLU A 200 -8.13 -11.37 -17.26
C GLU A 200 -8.55 -12.12 -18.54
N THR A 201 -8.10 -11.68 -19.72
CA THR A 201 -8.50 -12.30 -21.00
C THR A 201 -7.29 -13.07 -21.50
N ALA A 202 -7.40 -14.39 -21.53
CA ALA A 202 -6.32 -15.29 -21.97
C ALA A 202 -6.14 -15.22 -23.49
N GLY A 203 -4.91 -15.14 -23.97
CA GLY A 203 -4.62 -15.15 -25.41
C GLY A 203 -3.99 -16.48 -25.85
N LEU A 204 -2.66 -16.56 -25.95
CA LEU A 204 -2.00 -17.75 -26.48
C LEU A 204 -1.71 -18.63 -25.29
N THR A 205 -1.85 -19.94 -25.45
CA THR A 205 -1.36 -20.89 -24.45
C THR A 205 -0.32 -21.81 -25.09
N VAL A 206 0.68 -22.22 -24.33
CA VAL A 206 1.59 -23.29 -24.74
C VAL A 206 1.79 -24.20 -23.54
N ALA A 207 2.24 -25.42 -23.82
CA ALA A 207 2.65 -26.35 -22.78
C ALA A 207 4.11 -26.66 -22.90
N GLY A 208 4.70 -27.13 -21.81
CA GLY A 208 6.05 -27.71 -21.87
C GLY A 208 5.91 -29.18 -22.17
N GLN A 209 7.02 -29.85 -22.43
CA GLN A 209 7.05 -31.29 -22.64
C GLN A 209 7.76 -31.95 -21.47
N ASP A 210 7.63 -31.35 -20.31
CA ASP A 210 8.33 -31.83 -19.14
C ASP A 210 7.36 -32.37 -18.12
N GLY A 211 6.09 -32.55 -18.55
CA GLY A 211 5.02 -33.08 -17.67
C GLY A 211 4.61 -32.09 -16.54
N ARG A 212 4.89 -30.81 -16.73
CA ARG A 212 4.80 -29.86 -15.66
C ARG A 212 4.42 -28.42 -16.01
N HIS A 213 5.02 -27.80 -17.02
CA HIS A 213 4.78 -26.37 -17.31
C HIS A 213 3.73 -26.10 -18.38
N ALA A 214 3.17 -24.88 -18.31
CA ALA A 214 2.34 -24.31 -19.35
C ALA A 214 2.41 -22.82 -19.16
N ALA A 215 1.93 -22.06 -20.14
CA ALA A 215 1.99 -20.60 -20.06
C ALA A 215 0.86 -20.00 -20.88
N VAL A 216 0.38 -18.85 -20.46
CA VAL A 216 -0.73 -18.18 -21.11
C VAL A 216 -0.42 -16.69 -21.15
N THR A 217 -0.62 -16.08 -22.31
CA THR A 217 -0.57 -14.64 -22.36
C THR A 217 -1.88 -14.15 -21.76
N VAL A 218 -1.82 -13.06 -21.00
CA VAL A 218 -3.01 -12.46 -20.41
C VAL A 218 -3.03 -10.99 -20.70
N SER A 219 -4.20 -10.53 -21.05
CA SER A 219 -4.44 -9.12 -21.12
C SER A 219 -5.44 -8.75 -19.98
N ALA A 220 -4.99 -7.96 -19.02
CA ALA A 220 -5.75 -7.71 -17.82
C ALA A 220 -6.09 -6.26 -17.73
N THR A 221 -7.31 -5.97 -17.28
CA THR A 221 -7.74 -4.64 -16.94
C THR A 221 -8.21 -4.67 -15.48
N MET A 222 -8.11 -3.56 -14.78
CA MET A 222 -8.52 -3.44 -13.40
C MET A 222 -8.83 -1.95 -13.07
N ASP A 223 -9.53 -1.67 -12.00
CA ASP A 223 -9.79 -0.25 -11.63
C ASP A 223 -8.50 0.49 -11.34
N TYR A 224 -8.43 1.75 -11.77
CA TYR A 224 -7.24 2.58 -11.53
C TYR A 224 -6.98 2.71 -10.03
N LEU A 225 -8.05 2.91 -9.26
CA LEU A 225 -7.93 3.00 -7.80
C LEU A 225 -8.29 1.65 -7.21
N PRO A 226 -7.41 1.09 -6.36
CA PRO A 226 -6.18 1.60 -5.74
C PRO A 226 -4.90 1.16 -6.43
N SER A 227 -5.00 0.34 -7.43
CA SER A 227 -3.79 -0.30 -7.93
C SER A 227 -2.76 0.73 -8.50
N GLY A 228 -3.22 1.79 -9.13
CA GLY A 228 -2.32 2.65 -9.85
C GLY A 228 -1.39 3.36 -8.91
N PRO A 229 -1.97 4.10 -7.98
CA PRO A 229 -1.13 4.77 -6.97
C PRO A 229 -0.32 3.79 -6.14
N LEU A 230 -0.88 2.64 -5.76
CA LEU A 230 -0.07 1.67 -5.06
C LEU A 230 1.15 1.21 -5.85
N LEU A 231 0.88 0.73 -7.03
CA LEU A 231 1.95 0.26 -7.90
C LEU A 231 2.95 1.34 -8.32
N ALA A 232 2.50 2.59 -8.49
CA ALA A 232 3.43 3.71 -8.83
C ALA A 232 4.39 3.95 -7.65
N ARG A 233 3.86 3.87 -6.46
CA ARG A 233 4.68 4.11 -5.31
C ARG A 233 5.66 2.96 -5.02
N HIS A 234 5.42 1.78 -5.59
CA HIS A 234 6.40 0.70 -5.47
C HIS A 234 7.44 0.77 -6.60
N HIS A 235 7.36 1.80 -7.45
CA HIS A 235 8.23 1.97 -8.61
C HIS A 235 8.11 0.81 -9.57
N LEU A 236 6.90 0.31 -9.76
CA LEU A 236 6.70 -0.78 -10.67
C LEU A 236 6.10 -0.34 -11.98
N MET A 237 5.61 0.87 -12.05
CA MET A 237 5.04 1.38 -13.25
C MET A 237 5.09 2.92 -13.15
N THR A 238 4.94 3.58 -14.27
CA THR A 238 4.72 5.00 -14.28
C THR A 238 3.64 5.31 -15.36
N LEU A 239 2.50 5.83 -14.91
CA LEU A 239 1.39 6.15 -15.78
C LEU A 239 1.08 7.63 -15.78
N PRO A 240 0.51 8.13 -16.88
CA PRO A 240 -0.03 9.47 -16.81
C PRO A 240 -1.15 9.57 -15.80
N ALA A 241 -1.48 10.77 -15.37
CA ALA A 241 -2.57 11.01 -14.45
C ALA A 241 -3.85 10.97 -15.30
N PRO A 242 -4.82 10.16 -14.90
CA PRO A 242 -6.10 10.08 -15.59
C PRO A 242 -6.99 11.28 -15.36
N ALA A 243 -7.79 11.63 -16.36
CA ALA A 243 -8.76 12.74 -16.21
C ALA A 243 -9.74 12.43 -15.08
N ASP A 244 -10.16 11.16 -14.99
CA ASP A 244 -11.09 10.75 -13.94
C ASP A 244 -10.61 9.47 -13.29
N PRO A 245 -10.02 9.57 -12.11
CA PRO A 245 -9.41 8.36 -11.57
C PRO A 245 -10.44 7.33 -11.09
N HIS A 246 -11.68 7.76 -10.86
CA HIS A 246 -12.73 6.81 -10.43
C HIS A 246 -13.29 5.93 -11.55
N ARG A 247 -13.05 6.33 -12.79
CA ARG A 247 -13.50 5.58 -13.95
C ARG A 247 -12.39 4.96 -14.74
N ALA A 248 -11.17 5.45 -14.59
CA ALA A 248 -10.05 4.98 -15.40
C ALA A 248 -9.73 3.50 -15.14
N LEU A 249 -9.08 2.84 -16.06
CA LEU A 249 -8.62 1.46 -15.85
C LEU A 249 -7.14 1.43 -16.15
N ILE A 250 -6.49 0.42 -15.59
CA ILE A 250 -5.10 0.11 -15.85
C ILE A 250 -5.10 -1.21 -16.60
N GLY A 251 -4.32 -1.26 -17.68
CA GLY A 251 -4.08 -2.49 -18.42
C GLY A 251 -2.71 -3.02 -18.11
N ILE A 252 -2.63 -4.34 -17.83
CA ILE A 252 -1.32 -5.01 -17.74
C ILE A 252 -1.33 -6.20 -18.68
N GLU A 253 -0.37 -6.24 -19.60
CA GLU A 253 -0.14 -7.37 -20.46
C GLU A 253 0.95 -8.19 -19.83
N TYR A 254 0.70 -9.46 -19.60
CA TYR A 254 1.69 -10.32 -18.95
C TYR A 254 1.58 -11.76 -19.42
N VAL A 255 2.56 -12.59 -19.12
CA VAL A 255 2.50 -14.01 -19.38
C VAL A 255 2.51 -14.70 -18.03
N MET A 256 1.56 -15.57 -17.79
CA MET A 256 1.59 -16.35 -16.56
C MET A 256 2.17 -17.72 -16.91
N VAL A 257 3.21 -18.12 -16.20
CA VAL A 257 3.78 -19.47 -16.29
C VAL A 257 3.38 -20.27 -15.06
N ILE A 258 2.85 -21.48 -15.26
CA ILE A 258 2.50 -22.32 -14.15
C ILE A 258 3.29 -23.61 -14.18
N GLY A 259 3.57 -24.15 -13.00
CA GLY A 259 4.06 -25.49 -12.83
C GLY A 259 3.07 -26.34 -12.04
N VAL A 260 2.81 -27.54 -12.54
CA VAL A 260 1.75 -28.39 -12.02
C VAL A 260 2.40 -29.60 -11.40
N ASP A 261 1.98 -29.98 -10.18
CA ASP A 261 2.58 -31.14 -9.48
C ASP A 261 2.01 -32.49 -9.97
N ALA A 262 2.59 -33.59 -9.44
CA ALA A 262 2.16 -34.96 -9.78
C ALA A 262 0.67 -35.20 -9.56
N ASP A 263 0.02 -34.40 -8.73
CA ASP A 263 -1.43 -34.53 -8.48
C ASP A 263 -2.33 -33.64 -9.34
N GLY A 264 -1.76 -32.90 -10.28
CA GLY A 264 -2.52 -31.97 -11.12
C GLY A 264 -2.78 -30.60 -10.51
N LEU A 265 -2.17 -30.31 -9.36
CA LEU A 265 -2.41 -29.03 -8.67
C LEU A 265 -1.25 -28.04 -9.00
N ILE A 266 -1.56 -26.76 -9.22
CA ILE A 266 -0.52 -25.76 -9.50
C ILE A 266 0.31 -25.48 -8.26
N ASP A 267 1.60 -25.81 -8.29
CA ASP A 267 2.47 -25.55 -7.14
C ASP A 267 3.52 -24.46 -7.37
N GLU A 268 3.54 -23.89 -8.57
CA GLU A 268 4.44 -22.81 -8.92
C GLU A 268 3.79 -21.91 -9.90
N MET A 269 3.90 -20.60 -9.74
CA MET A 269 3.31 -19.69 -10.73
C MET A 269 4.09 -18.37 -10.71
N ARG A 270 4.33 -17.85 -11.90
CA ARG A 270 5.09 -16.59 -12.11
C ARG A 270 4.31 -15.77 -13.13
N ALA A 271 4.21 -14.47 -12.91
CA ALA A 271 3.61 -13.55 -13.85
C ALA A 271 4.69 -12.61 -14.35
N TYR A 272 4.95 -12.63 -15.67
CA TYR A 272 6.00 -11.82 -16.25
C TYR A 272 5.43 -10.54 -16.78
N TRP A 273 5.70 -9.42 -16.09
CA TRP A 273 5.43 -8.09 -16.65
C TRP A 273 6.35 -7.11 -16.03
N GLY A 274 6.71 -6.07 -16.79
CA GLY A 274 7.49 -4.97 -16.27
C GLY A 274 6.73 -3.67 -16.45
N ALA A 275 7.39 -2.58 -16.13
CA ALA A 275 6.83 -1.26 -16.19
C ALA A 275 6.43 -0.96 -17.61
N THR A 276 7.17 -1.47 -18.58
CA THR A 276 6.84 -1.21 -19.99
C THR A 276 5.68 -2.06 -20.48
N ASP A 277 5.07 -2.87 -19.64
CA ASP A 277 3.90 -3.67 -20.04
C ASP A 277 2.58 -3.16 -19.43
N VAL A 278 2.59 -1.95 -18.87
CA VAL A 278 1.47 -1.38 -18.15
C VAL A 278 0.96 -0.17 -18.90
N SER A 279 -0.35 0.05 -18.88
CA SER A 279 -0.93 1.21 -19.50
C SER A 279 -2.17 1.71 -18.81
N LEU A 280 -2.50 2.96 -19.12
CA LEU A 280 -3.66 3.64 -18.59
C LEU A 280 -4.68 3.63 -19.69
N LEU A 281 -5.89 3.16 -19.37
CA LEU A 281 -7.02 3.13 -20.31
C LEU A 281 -8.04 4.15 -19.77
N ASP A 282 -8.25 5.24 -20.50
CA ASP A 282 -8.88 6.46 -19.94
C ASP A 282 -9.92 7.00 -20.95
N PRO A 283 -11.19 6.57 -20.84
CA PRO A 283 -11.80 5.56 -19.96
C PRO A 283 -11.66 4.15 -20.47
N GLY B 1 19.52 -0.71 28.38
CA GLY B 1 18.49 -0.65 27.31
C GLY B 1 17.42 0.48 27.35
N ARG B 2 17.33 1.30 26.32
CA ARG B 2 16.31 2.37 26.23
C ARG B 2 15.32 1.98 25.12
N HIS B 3 14.05 2.19 25.39
CA HIS B 3 12.99 1.93 24.44
C HIS B 3 11.86 2.99 24.64
N MET B 4 11.12 3.31 23.59
CA MET B 4 9.98 4.20 23.68
C MET B 4 8.75 3.42 24.12
N PRO B 5 7.87 4.02 24.91
CA PRO B 5 6.79 3.23 25.48
C PRO B 5 5.73 2.92 24.44
N ALA B 6 5.18 1.73 24.55
CA ALA B 6 4.10 1.28 23.69
C ALA B 6 2.81 2.13 23.80
N GLU B 7 1.99 2.02 22.77
CA GLU B 7 0.70 2.71 22.68
C GLU B 7 -0.13 2.56 23.92
N THR B 8 -0.28 1.34 24.41
CA THR B 8 -1.16 1.07 25.52
C THR B 8 -0.60 1.74 26.79
N VAL B 9 0.72 1.72 26.97
CA VAL B 9 1.37 2.35 28.08
C VAL B 9 1.15 3.89 28.04
N ARG B 10 1.30 4.51 26.88
CA ARG B 10 1.04 5.94 26.77
C ARG B 10 -0.41 6.31 27.06
N LYS B 11 -1.35 5.51 26.58
CA LYS B 11 -2.76 5.77 26.80
C LYS B 11 -3.03 5.73 28.31
N GLU B 12 -2.48 4.72 28.96
CA GLU B 12 -2.63 4.56 30.40
C GLU B 12 -1.96 5.66 31.23
N VAL B 13 -0.80 6.16 30.80
CA VAL B 13 -0.18 7.33 31.42
C VAL B 13 -1.08 8.56 31.30
N ALA B 14 -1.71 8.77 30.16
CA ALA B 14 -2.56 9.95 30.05
C ALA B 14 -3.74 9.82 30.99
N LEU B 15 -4.35 8.65 31.07
CA LEU B 15 -5.54 8.45 31.92
C LEU B 15 -5.14 8.56 33.39
N GLU B 16 -3.93 8.11 33.70
CA GLU B 16 -3.44 8.08 35.06
C GLU B 16 -3.17 9.56 35.51
N TYR B 17 -2.76 10.43 34.58
CA TYR B 17 -2.61 11.85 34.91
C TYR B 17 -3.94 12.42 35.45
N CYS B 18 -5.05 12.11 34.77
CA CYS B 18 -6.39 12.58 35.17
C CYS B 18 -6.79 12.00 36.51
N ARG B 19 -6.55 10.71 36.68
CA ARG B 19 -6.93 10.03 37.96
C ARG B 19 -6.19 10.67 39.16
N ARG B 20 -4.90 10.98 38.97
CA ARG B 20 -4.14 11.63 40.00
C ARG B 20 -4.53 13.09 40.22
N VAL B 21 -4.82 13.86 39.16
CA VAL B 21 -5.37 15.18 39.35
C VAL B 21 -6.66 15.09 40.17
N ASN B 22 -7.50 14.13 39.84
CA ASN B 22 -8.79 13.93 40.56
C ASN B 22 -8.62 13.41 41.97
N ALA B 23 -7.56 12.67 42.29
CA ALA B 23 -7.35 12.22 43.66
C ALA B 23 -6.81 13.39 44.51
N GLY B 24 -6.29 14.45 43.89
CA GLY B 24 -5.92 15.66 44.67
C GLY B 24 -4.55 15.66 45.37
N GLU B 25 -3.70 14.68 45.11
CA GLU B 25 -2.39 14.61 45.78
C GLU B 25 -1.30 15.07 44.79
N LEU B 26 -0.80 16.28 45.04
CA LEU B 26 0.11 16.94 44.11
C LEU B 26 1.33 16.09 43.92
N GLU B 27 1.86 15.49 44.97
CA GLU B 27 3.12 14.72 44.81
C GLU B 27 2.93 13.60 43.83
N GLY B 28 1.73 13.01 43.81
CA GLY B 28 1.40 11.93 42.88
C GLY B 28 1.43 12.47 41.45
N VAL B 29 0.88 13.64 41.23
CA VAL B 29 0.79 14.19 39.88
C VAL B 29 2.18 14.48 39.38
N LEU B 30 3.01 15.07 40.24
CA LEU B 30 4.30 15.51 39.80
C LEU B 30 5.18 14.30 39.39
N GLN B 31 5.05 13.17 40.06
CA GLN B 31 5.81 11.99 39.77
C GLN B 31 5.54 11.43 38.39
N LEU B 32 4.45 11.83 37.75
CA LEU B 32 4.18 11.43 36.37
C LEU B 32 4.93 12.22 35.31
N PHE B 33 5.48 13.37 35.67
CA PHE B 33 6.18 14.23 34.74
C PHE B 33 7.70 14.00 34.82
N ALA B 34 8.39 14.10 33.69
CA ALA B 34 9.83 14.16 33.65
C ALA B 34 10.29 15.37 34.46
N PRO B 35 11.49 15.31 35.00
CA PRO B 35 11.96 16.43 35.80
C PRO B 35 11.96 17.78 35.08
N ASP B 36 12.13 17.75 33.78
CA ASP B 36 12.19 18.95 32.95
C ASP B 36 11.03 19.03 31.97
N ALA B 37 9.92 18.41 32.31
CA ALA B 37 8.71 18.42 31.50
C ALA B 37 8.29 19.84 31.16
N ARG B 38 7.59 20.00 30.03
CA ARG B 38 6.96 21.27 29.63
C ARG B 38 5.43 21.16 29.58
N LEU B 39 4.75 22.12 30.19
CA LEU B 39 3.29 22.24 30.07
C LEU B 39 2.95 23.58 29.41
N VAL B 40 2.08 23.53 28.42
CA VAL B 40 1.55 24.71 27.76
C VAL B 40 0.04 24.56 27.92
N ASP B 41 -0.55 25.46 28.72
CA ASP B 41 -1.98 25.42 29.03
C ASP B 41 -2.46 26.84 29.35
N PRO B 42 -3.21 27.49 28.43
CA PRO B 42 -3.61 27.06 27.08
C PRO B 42 -2.49 27.22 26.08
N LEU B 43 -2.55 26.44 25.02
CA LEU B 43 -1.76 26.62 23.83
C LEU B 43 -1.85 28.10 23.46
N GLY B 44 -0.69 28.73 23.23
CA GLY B 44 -0.63 30.17 22.99
C GLY B 44 0.00 30.96 24.13
N THR B 45 0.11 30.35 25.30
CA THR B 45 0.76 31.01 26.44
C THR B 45 2.14 30.42 26.66
N GLU B 46 2.84 31.02 27.61
CA GLU B 46 4.22 30.70 27.92
C GLU B 46 4.31 29.28 28.53
N PRO B 47 5.28 28.48 28.07
CA PRO B 47 5.46 27.17 28.67
C PRO B 47 5.82 27.25 30.14
N VAL B 48 5.36 26.27 30.93
CA VAL B 48 5.73 26.09 32.36
C VAL B 48 6.73 24.92 32.29
N VAL B 49 7.93 25.10 32.82
CA VAL B 49 9.02 24.14 32.62
C VAL B 49 9.59 23.59 33.92
N GLY B 50 9.48 22.27 34.08
CA GLY B 50 10.11 21.60 35.21
C GLY B 50 9.12 21.37 36.32
N ARG B 51 9.39 20.40 37.15
CA ARG B 51 8.45 20.06 38.19
C ARG B 51 8.15 21.20 39.20
N ALA B 52 9.14 22.01 39.54
CA ALA B 52 8.91 23.11 40.46
C ALA B 52 7.83 24.04 39.91
N ALA B 53 7.97 24.45 38.66
CA ALA B 53 7.06 25.38 38.05
C ALA B 53 5.70 24.66 37.89
N LEU B 54 5.72 23.37 37.65
CA LEU B 54 4.47 22.63 37.53
C LEU B 54 3.72 22.57 38.87
N ALA B 55 4.45 22.38 39.95
CA ALA B 55 3.85 22.35 41.27
C ALA B 55 3.16 23.68 41.49
N ALA B 56 3.75 24.78 41.03
CA ALA B 56 3.21 26.10 41.31
C ALA B 56 1.91 26.34 40.53
N ARG B 57 1.85 25.83 39.32
CA ARG B 57 0.71 25.97 38.48
C ARG B 57 -0.40 25.03 38.95
N LEU B 58 -0.08 23.80 39.33
CA LEU B 58 -1.13 22.84 39.69
C LEU B 58 -1.66 22.94 41.12
N ALA B 59 -0.86 23.45 42.06
CA ALA B 59 -1.30 23.48 43.46
C ALA B 59 -2.65 24.18 43.60
N PRO B 60 -2.83 25.39 43.03
CA PRO B 60 -4.09 26.13 43.17
C PRO B 60 -5.22 25.37 42.50
N ALA B 61 -4.99 24.77 41.34
CA ALA B 61 -6.06 24.00 40.72
C ALA B 61 -6.55 22.86 41.63
N LEU B 62 -5.64 22.18 42.33
CA LEU B 62 -6.02 21.02 43.10
C LEU B 62 -6.75 21.46 44.38
N ARG B 63 -6.42 22.65 44.88
CA ARG B 63 -7.14 23.23 46.02
C ARG B 63 -8.56 23.62 45.62
N GLY B 64 -8.75 24.01 44.36
CA GLY B 64 -10.07 24.35 43.87
C GLY B 64 -10.81 23.11 43.40
N ALA B 65 -10.28 21.91 43.68
CA ALA B 65 -10.99 20.68 43.38
C ALA B 65 -11.22 20.52 41.87
N VAL B 66 -10.20 20.81 41.04
CA VAL B 66 -10.35 20.66 39.64
C VAL B 66 -10.72 19.19 39.45
N HIS B 67 -11.53 18.92 38.44
CA HIS B 67 -11.92 17.57 38.06
C HIS B 67 -11.73 17.43 36.57
N GLU B 68 -11.00 16.39 36.17
CA GLU B 68 -10.79 16.11 34.74
C GLU B 68 -11.56 14.84 34.37
N GLU B 69 -12.53 15.00 33.48
CA GLU B 69 -13.33 13.92 32.96
C GLU B 69 -12.73 13.52 31.58
N PRO B 70 -11.91 12.46 31.56
CA PRO B 70 -11.24 12.04 30.35
C PRO B 70 -12.19 11.45 29.33
N GLY B 71 -11.98 11.76 28.06
CA GLY B 71 -12.64 11.02 26.99
C GLY B 71 -11.76 9.79 26.62
N ARG B 72 -11.81 9.43 25.37
CA ARG B 72 -11.07 8.33 24.82
C ARG B 72 -9.66 8.79 24.41
N PRO B 73 -8.61 8.11 24.86
CA PRO B 73 -7.30 8.48 24.40
C PRO B 73 -6.99 7.92 22.99
N TYR B 74 -6.18 8.65 22.27
CA TYR B 74 -5.77 8.29 20.95
C TYR B 74 -4.24 8.18 20.97
N ALA B 75 -3.68 7.18 20.29
CA ALA B 75 -2.22 7.05 20.25
C ALA B 75 -1.70 7.51 18.86
N ALA B 76 -0.52 7.01 18.49
CA ALA B 76 0.18 7.39 17.28
C ALA B 76 1.23 6.36 17.11
N HIS B 77 1.92 6.43 15.96
CA HIS B 77 2.97 5.50 15.65
C HIS B 77 4.36 6.12 15.85
N ASP B 78 4.48 7.21 16.61
CA ASP B 78 5.81 7.85 16.83
C ASP B 78 6.50 7.45 18.13
N GLY B 79 5.95 6.48 18.85
CA GLY B 79 6.52 6.02 20.11
C GLY B 79 6.32 6.97 21.28
N THR B 80 5.59 8.06 21.10
CA THR B 80 5.60 9.11 22.11
C THR B 80 4.29 9.84 22.30
N SER B 81 3.53 10.05 21.24
CA SER B 81 2.36 10.89 21.35
C SER B 81 1.15 10.15 21.87
N VAL B 82 0.30 10.88 22.61
CA VAL B 82 -1.03 10.45 22.94
C VAL B 82 -1.90 11.71 23.03
N VAL B 83 -3.16 11.63 22.59
CA VAL B 83 -4.06 12.76 22.60
C VAL B 83 -5.28 12.39 23.41
N LEU B 84 -5.60 13.21 24.40
CA LEU B 84 -6.71 12.91 25.26
C LEU B 84 -7.65 14.11 25.38
N PRO B 85 -8.78 14.09 24.68
CA PRO B 85 -9.89 15.03 24.99
C PRO B 85 -10.38 14.84 26.41
N ALA B 86 -10.85 15.95 27.02
CA ALA B 86 -11.35 15.94 28.41
C ALA B 86 -12.21 17.16 28.63
N THR B 87 -13.05 17.05 29.65
CA THR B 87 -13.79 18.16 30.19
C THR B 87 -13.24 18.49 31.55
N VAL B 88 -12.81 19.72 31.71
CA VAL B 88 -12.20 20.22 32.95
C VAL B 88 -13.17 21.14 33.68
N THR B 89 -13.52 20.78 34.92
CA THR B 89 -14.31 21.59 35.82
C THR B 89 -13.42 22.09 36.97
N VAL B 90 -13.36 23.42 37.24
CA VAL B 90 -12.51 24.03 38.32
C VAL B 90 -13.23 25.29 38.82
N GLY B 91 -12.95 25.75 40.05
CA GLY B 91 -13.34 27.10 40.54
C GLY B 91 -12.56 27.58 41.78
N ALA B 92 -12.89 28.75 42.32
CA ALA B 92 -12.40 29.19 43.66
C ALA B 92 -12.63 28.03 44.67
N PRO B 93 -11.72 27.81 45.67
CA PRO B 93 -11.98 26.76 46.71
C PRO B 93 -13.38 26.85 47.40
N GLY B 94 -14.09 25.71 47.48
CA GLY B 94 -15.47 25.64 48.03
C GLY B 94 -16.60 26.30 47.19
N ALA B 95 -16.33 26.48 45.90
CA ALA B 95 -17.27 27.03 44.92
C ALA B 95 -18.34 25.97 44.57
N PRO B 96 -19.66 26.36 44.61
CA PRO B 96 -20.78 25.48 44.16
C PRO B 96 -20.71 25.29 42.64
N PRO B 97 -21.37 24.24 42.06
CA PRO B 97 -21.19 24.00 40.59
C PRO B 97 -21.42 25.23 39.64
N GLN B 98 -22.43 26.01 39.91
CA GLN B 98 -22.72 27.34 39.28
C GLN B 98 -21.58 28.45 39.21
N ARG B 99 -20.47 28.27 39.92
CA ARG B 99 -19.25 29.09 39.71
C ARG B 99 -18.02 28.19 39.57
N ARG B 100 -18.23 27.07 38.87
CA ARG B 100 -17.19 26.18 38.43
C ARG B 100 -17.30 26.12 36.91
N GLY B 101 -16.35 26.78 36.25
CA GLY B 101 -16.23 26.70 34.83
C GLY B 101 -16.12 25.26 34.35
N ARG B 102 -16.59 25.06 33.13
CA ARG B 102 -16.44 23.82 32.39
C ARG B 102 -15.72 24.23 31.10
N THR B 103 -14.63 23.54 30.82
CA THR B 103 -13.80 23.79 29.65
C THR B 103 -13.56 22.48 28.92
N ARG B 104 -13.75 22.43 27.60
CA ARG B 104 -13.44 21.25 26.81
C ARG B 104 -12.05 21.44 26.30
N VAL B 105 -11.19 20.42 26.49
CA VAL B 105 -9.79 20.52 26.13
C VAL B 105 -9.39 19.27 25.31
N MET B 106 -8.29 19.36 24.59
CA MET B 106 -7.57 18.17 24.10
C MET B 106 -6.13 18.30 24.53
N GLY B 107 -5.67 17.37 25.36
CA GLY B 107 -4.27 17.35 25.79
C GLY B 107 -3.49 16.54 24.78
N VAL B 108 -2.52 17.19 24.19
CA VAL B 108 -1.59 16.54 23.33
C VAL B 108 -0.35 16.31 24.18
N ILE B 109 0.01 15.04 24.38
CA ILE B 109 1.01 14.65 25.36
C ILE B 109 2.13 13.85 24.71
N GLU B 110 3.36 14.10 25.09
CA GLU B 110 4.47 13.25 24.69
C GLU B 110 5.05 12.56 25.92
N VAL B 111 5.10 11.25 25.85
CA VAL B 111 5.61 10.41 26.89
C VAL B 111 6.98 9.98 26.48
N GLY B 112 7.91 10.12 27.39
CA GLY B 112 9.29 9.80 27.10
C GLY B 112 9.65 8.36 27.43
N GLU B 113 10.94 8.10 27.32
CA GLU B 113 11.47 6.75 27.31
C GLU B 113 11.48 6.15 28.72
N ASP B 114 11.42 7.02 29.72
CA ASP B 114 11.23 6.68 31.10
C ASP B 114 9.77 6.38 31.46
N GLY B 115 8.82 6.56 30.54
CA GLY B 115 7.42 6.34 30.88
C GLY B 115 6.75 7.56 31.51
N LEU B 116 7.47 8.67 31.58
CA LEU B 116 7.03 9.93 32.17
C LEU B 116 6.64 10.98 31.11
N ILE B 117 5.70 11.87 31.48
CA ILE B 117 5.24 12.91 30.56
C ILE B 117 6.34 13.98 30.41
N ARG B 118 6.88 14.08 29.20
CA ARG B 118 7.97 15.03 28.82
C ARG B 118 7.28 16.33 28.37
N GLU B 119 6.06 16.23 27.84
CA GLU B 119 5.43 17.40 27.31
C GLU B 119 3.92 17.31 27.25
N MET B 120 3.24 18.41 27.56
CA MET B 120 1.80 18.41 27.57
C MET B 120 1.30 19.76 27.09
N ARG B 121 0.55 19.75 26.00
CA ARG B 121 0.04 20.95 25.40
C ARG B 121 -1.47 20.81 25.41
N VAL B 122 -2.15 21.70 26.14
CA VAL B 122 -3.58 21.60 26.30
C VAL B 122 -4.24 22.62 25.36
N MET B 123 -4.93 22.11 24.35
CA MET B 123 -5.62 22.96 23.42
C MET B 123 -7.05 23.15 23.91
N TRP B 124 -7.40 24.43 24.06
CA TRP B 124 -8.74 24.92 24.37
C TRP B 124 -8.78 26.45 24.12
N GLY B 125 -9.91 26.94 23.66
CA GLY B 125 -10.03 28.37 23.36
C GLY B 125 -11.04 29.03 24.26
N VAL B 126 -11.20 30.36 24.12
CA VAL B 126 -12.19 31.04 24.93
C VAL B 126 -13.57 30.48 24.56
N THR B 127 -13.76 30.09 23.31
CA THR B 127 -15.06 29.54 22.87
C THR B 127 -15.29 28.06 23.24
N ASP B 128 -14.34 27.43 23.91
CA ASP B 128 -14.56 26.08 24.48
C ASP B 128 -14.77 26.09 25.99
N SER B 129 -14.89 27.29 26.55
CA SER B 129 -14.92 27.46 27.98
C SER B 129 -16.13 28.25 28.44
N SER B 130 -16.80 27.74 29.46
CA SER B 130 -17.94 28.44 30.07
C SER B 130 -17.50 29.56 31.05
N TRP B 131 -16.21 29.60 31.40
CA TRP B 131 -15.60 30.68 32.21
C TRP B 131 -15.66 32.08 31.58
N THR B 132 -16.11 32.20 30.36
CA THR B 132 -15.97 33.49 29.67
C THR B 132 -16.79 33.47 28.39
N ALA B 133 -17.51 34.55 28.16
CA ALA B 133 -18.31 34.76 26.93
C ALA B 133 -17.62 35.79 25.98
N ARG B 134 -16.28 35.98 26.13
CA ARG B 134 -15.55 36.80 25.13
C ARG B 134 -15.62 36.14 23.75
N PRO B 135 -15.77 36.97 22.70
CA PRO B 135 -15.90 36.40 21.36
C PRO B 135 -14.51 36.10 20.79
N ALA B 136 -14.41 35.03 20.00
CA ALA B 136 -13.17 34.72 19.32
C ALA B 136 -13.59 34.16 17.97
N PRO B 137 -13.95 35.05 17.04
CA PRO B 137 -14.46 34.54 15.75
C PRO B 137 -13.42 33.71 15.00
N ASP B 138 -12.14 34.01 15.21
CA ASP B 138 -11.06 33.23 14.62
C ASP B 138 -11.04 31.76 15.11
N GLU B 139 -11.25 31.56 16.41
CA GLU B 139 -11.43 30.22 16.98
C GLU B 139 -12.54 29.49 16.24
N GLU B 140 -13.68 30.13 16.09
CA GLU B 140 -14.85 29.46 15.50
C GLU B 140 -14.56 29.11 14.05
N ARG B 141 -13.89 30.00 13.34
CA ARG B 141 -13.55 29.77 11.93
C ARG B 141 -12.67 28.50 11.80
N ARG B 142 -11.72 28.35 12.72
CA ARG B 142 -10.78 27.26 12.66
C ARG B 142 -11.45 25.96 12.97
N LYS B 143 -12.32 25.95 13.98
CA LYS B 143 -13.06 24.74 14.32
C LYS B 143 -13.97 24.35 13.18
N GLU B 144 -14.58 25.35 12.57
CA GLU B 144 -15.41 25.09 11.42
C GLU B 144 -14.59 24.54 10.23
N LEU B 145 -13.36 25.04 10.00
CA LEU B 145 -12.53 24.48 8.92
C LEU B 145 -12.21 23.01 9.18
N ALA B 146 -11.99 22.65 10.44
CA ALA B 146 -11.69 21.26 10.77
C ALA B 146 -12.89 20.37 10.45
N ARG B 147 -14.08 20.85 10.80
CA ARG B 147 -15.30 20.12 10.54
C ARG B 147 -15.53 20.02 9.07
N GLU B 148 -15.12 21.08 8.36
CA GLU B 148 -15.38 21.22 6.93
C GLU B 148 -14.60 20.22 6.11
N HIS B 149 -13.38 19.96 6.54
CA HIS B 149 -12.54 18.94 5.95
C HIS B 149 -13.31 17.66 5.84
N CYS B 150 -13.99 17.29 6.91
CA CYS B 150 -14.65 16.00 6.96
C CYS B 150 -15.84 16.02 6.01
N LEU B 151 -16.55 17.13 5.98
CA LEU B 151 -17.77 17.18 5.16
C LEU B 151 -17.43 17.09 3.69
N ARG B 152 -16.36 17.77 3.30
CA ARG B 152 -15.91 17.67 1.94
C ARG B 152 -15.39 16.24 1.54
N ILE B 153 -14.77 15.51 2.46
CA ILE B 153 -14.41 14.10 2.20
C ILE B 153 -15.68 13.25 2.05
N ASN B 154 -16.66 13.47 2.93
CA ASN B 154 -17.92 12.70 2.91
C ASN B 154 -18.68 12.92 1.65
N ASP B 155 -18.60 14.12 1.12
CA ASP B 155 -19.36 14.48 -0.07
C ASP B 155 -18.62 14.10 -1.34
N GLY B 156 -17.38 13.62 -1.23
CA GLY B 156 -16.62 13.26 -2.42
C GLY B 156 -16.09 14.45 -3.20
N ASP B 157 -15.92 15.57 -2.52
CA ASP B 157 -15.62 16.85 -3.15
C ASP B 157 -14.13 17.20 -2.94
N VAL B 158 -13.29 16.53 -3.72
CA VAL B 158 -11.84 16.65 -3.58
C VAL B 158 -11.36 18.08 -3.90
N ASP B 159 -11.86 18.65 -4.99
CA ASP B 159 -11.53 20.01 -5.41
C ASP B 159 -11.86 21.01 -4.32
N GLY B 160 -13.00 20.80 -3.68
CA GLY B 160 -13.40 21.66 -2.58
C GLY B 160 -12.55 21.52 -1.35
N LEU B 161 -12.14 20.29 -1.07
CA LEU B 161 -11.30 20.02 0.11
C LEU B 161 -10.02 20.79 -0.07
N LEU B 162 -9.41 20.68 -1.25
CA LEU B 162 -8.14 21.38 -1.49
C LEU B 162 -8.26 22.89 -1.34
N LYS B 163 -9.40 23.46 -1.65
CA LYS B 163 -9.58 24.92 -1.47
C LYS B 163 -9.34 25.41 -0.03
N LEU B 164 -9.48 24.49 0.93
CA LEU B 164 -9.25 24.81 2.35
C LEU B 164 -7.77 24.87 2.76
N TYR B 165 -6.89 24.34 1.91
CA TYR B 165 -5.50 24.06 2.23
C TYR B 165 -4.50 24.95 1.47
N SER B 166 -3.43 25.38 2.13
CA SER B 166 -2.37 26.17 1.47
C SER B 166 -1.53 25.29 0.53
N PRO B 167 -0.99 25.88 -0.52
CA PRO B 167 -0.10 25.08 -1.35
C PRO B 167 1.14 24.64 -0.59
N ARG B 168 1.45 25.27 0.54
CA ARG B 168 2.60 24.89 1.39
C ARG B 168 2.28 23.74 2.35
N ILE B 169 1.07 23.19 2.28
CA ILE B 169 0.64 22.19 3.26
C ILE B 169 1.68 21.07 3.48
N ARG B 170 1.94 20.81 4.75
CA ARG B 170 2.73 19.71 5.27
C ARG B 170 1.76 18.94 6.16
N PHE B 171 1.52 17.66 5.85
CA PHE B 171 0.66 16.82 6.66
C PHE B 171 1.26 15.43 6.94
N GLU B 172 0.81 14.81 8.02
CA GLU B 172 1.34 13.56 8.53
C GLU B 172 0.17 12.78 9.04
N ASP B 173 -0.10 11.63 8.42
CA ASP B 173 -1.21 10.76 8.76
C ASP B 173 -0.83 9.31 8.51
N PRO B 174 -0.63 8.55 9.57
CA PRO B 174 -0.65 8.86 10.99
C PRO B 174 0.60 9.55 11.48
N VAL B 175 0.48 10.21 12.64
CA VAL B 175 1.61 10.76 13.30
C VAL B 175 2.55 9.60 13.57
N GLY B 176 3.80 9.75 13.18
CA GLY B 176 4.77 8.66 13.17
C GLY B 176 5.11 8.11 11.79
N SER B 177 4.48 8.60 10.73
CA SER B 177 4.85 8.18 9.38
C SER B 177 5.58 9.34 8.67
N TRP B 178 5.70 9.32 7.35
CA TRP B 178 6.24 10.45 6.62
C TRP B 178 5.37 11.72 6.64
N THR B 179 6.02 12.84 6.82
CA THR B 179 5.41 14.10 6.53
C THR B 179 5.31 14.22 5.01
N ARG B 180 4.10 14.47 4.54
CA ARG B 180 3.78 14.63 3.14
C ARG B 180 3.65 16.12 2.87
N THR B 181 4.01 16.55 1.67
CA THR B 181 3.96 17.96 1.27
C THR B 181 3.21 18.16 -0.04
N GLY B 182 2.34 19.15 -0.08
CA GLY B 182 1.86 19.76 -1.34
C GLY B 182 0.43 19.37 -1.63
N LEU B 183 -0.25 20.16 -2.45
CA LEU B 183 -1.63 19.84 -2.77
C LEU B 183 -1.75 18.50 -3.55
N GLU B 184 -0.73 18.09 -4.29
CA GLU B 184 -0.88 16.86 -5.10
C GLU B 184 -0.90 15.64 -4.21
N ALA B 185 -0.04 15.59 -3.19
CA ALA B 185 -0.08 14.49 -2.21
C ALA B 185 -1.40 14.47 -1.46
N LEU B 186 -1.93 15.63 -1.12
CA LEU B 186 -3.21 15.69 -0.39
C LEU B 186 -4.34 15.26 -1.31
N ARG B 187 -4.25 15.64 -2.57
CA ARG B 187 -5.27 15.26 -3.52
C ARG B 187 -5.30 13.74 -3.64
N ALA B 188 -4.12 13.13 -3.70
CA ALA B 188 -4.02 11.73 -3.84
C ALA B 188 -4.68 11.03 -2.63
N HIS B 189 -4.48 11.58 -1.43
CA HIS B 189 -5.10 10.97 -0.24
C HIS B 189 -6.62 11.04 -0.35
N ALA B 190 -7.13 12.19 -0.69
CA ALA B 190 -8.54 12.37 -0.67
C ALA B 190 -9.18 11.60 -1.81
N THR B 191 -8.49 11.45 -2.92
CA THR B 191 -9.08 10.70 -4.05
C THR B 191 -9.20 9.23 -3.66
N MET B 192 -8.23 8.72 -2.93
CA MET B 192 -8.31 7.36 -2.42
C MET B 192 -9.43 7.16 -1.37
N ALA B 193 -9.59 8.14 -0.48
CA ALA B 193 -10.62 8.11 0.53
C ALA B 193 -11.98 8.02 -0.13
N VAL B 194 -12.19 8.82 -1.15
CA VAL B 194 -13.45 8.79 -1.86
C VAL B 194 -13.64 7.43 -2.52
N GLY B 195 -12.57 6.86 -3.08
CA GLY B 195 -12.66 5.54 -3.73
C GLY B 195 -12.90 4.42 -2.73
N SER B 196 -12.48 4.60 -1.48
CA SER B 196 -12.74 3.62 -0.43
C SER B 196 -13.97 3.92 0.40
N ASN B 197 -14.81 4.82 -0.11
CA ASN B 197 -16.02 5.30 0.60
C ASN B 197 -15.83 5.75 2.02
N VAL B 198 -14.79 6.48 2.26
CA VAL B 198 -14.54 7.02 3.55
C VAL B 198 -15.69 7.91 4.02
N ARG B 199 -16.06 7.73 5.28
CA ARG B 199 -16.96 8.59 5.95
C ARG B 199 -16.28 9.01 7.24
N GLU B 200 -16.06 10.31 7.38
CA GLU B 200 -15.47 10.88 8.56
C GLU B 200 -16.53 11.66 9.34
N THR B 201 -16.81 11.23 10.56
CA THR B 201 -17.81 11.88 11.39
C THR B 201 -17.05 12.63 12.49
N ALA B 202 -17.15 13.96 12.49
CA ALA B 202 -16.49 14.81 13.50
C ALA B 202 -17.25 14.74 14.83
N GLY B 203 -16.51 14.66 15.92
CA GLY B 203 -17.06 14.72 17.27
C GLY B 203 -16.71 16.05 17.93
N LEU B 204 -15.73 16.08 18.82
CA LEU B 204 -15.47 17.27 19.64
C LEU B 204 -14.53 18.13 18.80
N THR B 205 -14.71 19.45 18.85
CA THR B 205 -13.72 20.36 18.30
C THR B 205 -13.20 21.28 19.42
N VAL B 206 -11.93 21.66 19.34
CA VAL B 206 -11.39 22.70 20.18
C VAL B 206 -10.55 23.60 19.32
N ALA B 207 -10.31 24.81 19.81
CA ALA B 207 -9.38 25.73 19.16
C ALA B 207 -8.21 26.04 20.12
N GLY B 208 -7.11 26.51 19.56
CA GLY B 208 -6.00 27.04 20.40
C GLY B 208 -6.23 28.52 20.56
N GLN B 209 -5.48 29.14 21.46
CA GLN B 209 -5.54 30.58 21.69
C GLN B 209 -4.27 31.17 21.13
N ASP B 210 -3.76 30.61 20.04
CA ASP B 210 -2.51 31.04 19.48
C ASP B 210 -2.71 31.59 18.09
N GLY B 211 -3.97 31.81 17.73
CA GLY B 211 -4.35 32.37 16.39
C GLY B 211 -4.07 31.39 15.26
N ARG B 212 -4.01 30.08 15.56
CA ARG B 212 -3.49 29.12 14.58
C ARG B 212 -4.02 27.68 14.62
N HIS B 213 -4.10 27.07 15.81
CA HIS B 213 -4.52 25.67 15.87
C HIS B 213 -6.02 25.44 16.15
N ALA B 214 -6.48 24.25 15.77
CA ALA B 214 -7.77 23.66 16.16
C ALA B 214 -7.61 22.15 16.04
N ALA B 215 -8.54 21.41 16.59
CA ALA B 215 -8.45 19.96 16.57
C ALA B 215 -9.87 19.39 16.64
N VAL B 216 -10.04 18.25 16.01
CA VAL B 216 -11.34 17.63 15.94
C VAL B 216 -11.14 16.10 16.08
N THR B 217 -11.93 15.50 16.93
CA THR B 217 -11.96 14.06 17.01
C THR B 217 -12.78 13.59 15.80
N VAL B 218 -12.39 12.46 15.24
CA VAL B 218 -13.01 11.93 14.04
C VAL B 218 -13.20 10.44 14.20
N SER B 219 -14.35 9.99 13.79
CA SER B 219 -14.61 8.60 13.71
C SER B 219 -14.81 8.24 12.23
N ALA B 220 -13.94 7.42 11.66
CA ALA B 220 -13.92 7.21 10.24
C ALA B 220 -14.14 5.77 9.97
N THR B 221 -14.94 5.48 8.94
CA THR B 221 -15.14 4.13 8.42
C THR B 221 -14.70 4.20 6.94
N MET B 222 -14.29 3.07 6.40
CA MET B 222 -13.85 2.94 5.02
C MET B 222 -13.98 1.48 4.59
N ASP B 223 -13.99 1.20 3.29
CA ASP B 223 -14.01 -0.21 2.84
C ASP B 223 -12.79 -0.98 3.31
N TYR B 224 -13.01 -2.23 3.70
CA TYR B 224 -11.91 -3.10 4.17
C TYR B 224 -10.88 -3.25 3.06
N LEU B 225 -11.33 -3.43 1.84
CA LEU B 225 -10.40 -3.55 0.69
C LEU B 225 -10.34 -2.20 0.00
N PRO B 226 -9.13 -1.66 -0.23
CA PRO B 226 -7.79 -2.20 -0.03
C PRO B 226 -7.08 -1.82 1.27
N SER B 227 -7.70 -0.96 2.04
CA SER B 227 -6.96 -0.33 3.12
C SER B 227 -6.46 -1.36 4.15
N GLY B 228 -7.22 -2.41 4.40
CA GLY B 228 -6.89 -3.32 5.50
C GLY B 228 -5.61 -4.07 5.23
N PRO B 229 -5.59 -4.78 4.12
CA PRO B 229 -4.35 -5.48 3.75
C PRO B 229 -3.16 -4.53 3.54
N LEU B 230 -3.38 -3.37 2.93
CA LEU B 230 -2.28 -2.44 2.79
C LEU B 230 -1.71 -1.98 4.12
N LEU B 231 -2.58 -1.48 4.96
CA LEU B 231 -2.17 -1.01 6.28
C LEU B 231 -1.62 -2.10 7.18
N ALA B 232 -2.12 -3.34 7.05
CA ALA B 232 -1.56 -4.48 7.86
C ALA B 232 -0.12 -4.75 7.43
N ARG B 233 0.10 -4.69 6.13
CA ARG B 233 1.42 -4.99 5.63
C ARG B 233 2.44 -3.89 5.98
N HIS B 234 1.97 -2.67 6.30
CA HIS B 234 2.88 -1.61 6.75
C HIS B 234 3.13 -1.66 8.28
N HIS B 235 2.56 -2.66 8.93
CA HIS B 235 2.61 -2.81 10.39
C HIS B 235 1.99 -1.65 11.14
N LEU B 236 0.92 -1.10 10.59
CA LEU B 236 0.23 0.00 11.21
C LEU B 236 -1.01 -0.42 11.96
N MET B 237 -1.43 -1.67 11.78
CA MET B 237 -2.57 -2.19 12.47
C MET B 237 -2.52 -3.73 12.40
N THR B 238 -3.30 -4.39 13.24
CA THR B 238 -3.53 -5.83 13.11
C THR B 238 -5.00 -6.10 13.39
N LEU B 239 -5.72 -6.59 12.37
CA LEU B 239 -7.12 -6.88 12.51
C LEU B 239 -7.39 -8.36 12.35
N PRO B 240 -8.52 -8.85 12.91
CA PRO B 240 -8.99 -10.17 12.55
C PRO B 240 -9.34 -10.25 11.08
N ALA B 241 -9.46 -11.45 10.56
CA ALA B 241 -9.85 -11.64 9.17
C ALA B 241 -11.37 -11.57 9.15
N PRO B 242 -11.94 -10.77 8.24
CA PRO B 242 -13.38 -10.67 8.10
C PRO B 242 -14.01 -11.85 7.43
N ALA B 243 -15.25 -12.15 7.79
CA ALA B 243 -16.02 -13.21 7.13
C ALA B 243 -16.21 -12.87 5.68
N ASP B 244 -16.50 -11.59 5.41
CA ASP B 244 -16.68 -11.15 4.04
C ASP B 244 -15.89 -9.89 3.76
N PRO B 245 -14.73 -10.02 3.08
CA PRO B 245 -13.93 -8.84 2.94
C PRO B 245 -14.53 -7.80 1.99
N HIS B 246 -15.46 -8.19 1.15
CA HIS B 246 -16.06 -7.23 0.20
C HIS B 246 -17.09 -6.29 0.84
N ARG B 247 -17.60 -6.70 2.00
CA ARG B 247 -18.60 -5.93 2.72
C ARG B 247 -18.08 -5.32 4.00
N ALA B 248 -16.99 -5.85 4.55
CA ALA B 248 -16.50 -5.41 5.82
C ALA B 248 -15.99 -3.96 5.76
N LEU B 249 -15.92 -3.32 6.90
CA LEU B 249 -15.40 -1.96 7.00
C LEU B 249 -14.31 -1.93 8.06
N ILE B 250 -13.46 -0.93 7.96
CA ILE B 250 -12.43 -0.66 8.96
C ILE B 250 -12.81 0.67 9.59
N GLY B 251 -12.72 0.73 10.91
CA GLY B 251 -12.92 1.95 11.64
C GLY B 251 -11.62 2.44 12.17
N ILE B 252 -11.39 3.75 12.02
CA ILE B 252 -10.28 4.40 12.65
C ILE B 252 -10.78 5.60 13.42
N GLU B 253 -10.47 5.65 14.72
CA GLU B 253 -10.72 6.78 15.59
C GLU B 253 -9.44 7.58 15.69
N TYR B 254 -9.49 8.85 15.35
CA TYR B 254 -8.29 9.70 15.37
C TYR B 254 -8.62 11.12 15.75
N VAL B 255 -7.62 11.90 16.08
CA VAL B 255 -7.79 13.35 16.29
C VAL B 255 -7.01 14.03 15.19
N MET B 256 -7.65 14.94 14.47
CA MET B 256 -6.94 15.70 13.44
C MET B 256 -6.63 17.05 14.03
N VAL B 257 -5.34 17.41 14.05
CA VAL B 257 -4.90 18.72 14.48
C VAL B 257 -4.54 19.53 13.25
N ILE B 258 -5.06 20.77 13.15
CA ILE B 258 -4.76 21.62 12.00
C ILE B 258 -4.10 22.92 12.44
N GLY B 259 -3.20 23.42 11.62
CA GLY B 259 -2.66 24.74 11.77
C GLY B 259 -3.04 25.59 10.58
N VAL B 260 -3.53 26.80 10.86
CA VAL B 260 -4.07 27.70 9.85
C VAL B 260 -3.15 28.89 9.70
N ASP B 261 -2.80 29.26 8.46
CA ASP B 261 -1.91 30.41 8.20
C ASP B 261 -2.61 31.78 8.28
N ALA B 262 -1.84 32.86 8.11
CA ALA B 262 -2.35 34.25 8.14
C ALA B 262 -3.46 34.51 7.12
N ASP B 263 -3.55 33.70 6.08
CA ASP B 263 -4.61 33.84 5.07
C ASP B 263 -5.86 32.95 5.32
N GLY B 264 -5.93 32.23 6.44
CA GLY B 264 -7.05 31.33 6.73
C GLY B 264 -6.95 29.94 6.08
N LEU B 265 -5.82 29.64 5.44
CA LEU B 265 -5.64 28.36 4.73
C LEU B 265 -4.90 27.36 5.64
N ILE B 266 -5.29 26.08 5.63
CA ILE B 266 -4.60 25.07 6.47
C ILE B 266 -3.22 24.76 5.90
N ASP B 267 -2.17 25.06 6.66
CA ASP B 267 -0.81 24.76 6.14
C ASP B 267 -0.10 23.66 6.90
N GLU B 268 -0.76 23.09 7.90
CA GLU B 268 -0.23 22.02 8.68
C GLU B 268 -1.36 21.13 9.14
N MET B 269 -1.19 19.82 9.06
CA MET B 269 -2.22 18.91 9.55
C MET B 269 -1.59 17.58 9.97
N ARG B 270 -2.03 17.07 11.10
CA ARG B 270 -1.56 15.80 11.66
C ARG B 270 -2.81 15.00 12.04
N ALA B 271 -2.80 13.69 11.82
CA ALA B 271 -3.84 12.77 12.30
C ALA B 271 -3.23 11.81 13.31
N TYR B 272 -3.70 11.87 14.55
CA TYR B 272 -3.19 11.05 15.57
C TYR B 272 -4.01 9.79 15.67
N TRP B 273 -3.45 8.65 15.26
CA TRP B 273 -4.00 7.33 15.57
C TRP B 273 -2.88 6.32 15.57
N GLY B 274 -3.02 5.26 16.37
CA GLY B 274 -2.08 4.15 16.37
C GLY B 274 -2.82 2.87 16.09
N ALA B 275 -2.11 1.77 16.19
CA ALA B 275 -2.65 0.44 15.88
C ALA B 275 -3.80 0.16 16.83
N THR B 276 -3.75 0.68 18.05
CA THR B 276 -4.81 0.39 19.04
C THR B 276 -6.06 1.24 18.79
N ASP B 277 -6.08 2.10 17.76
CA ASP B 277 -7.21 2.94 17.45
C ASP B 277 -7.95 2.49 16.20
N VAL B 278 -7.66 1.27 15.73
CA VAL B 278 -8.22 0.71 14.51
C VAL B 278 -9.08 -0.47 14.83
N SER B 279 -10.15 -0.69 14.07
CA SER B 279 -10.99 -1.83 14.28
C SER B 279 -11.61 -2.30 13.01
N LEU B 280 -12.08 -3.56 13.09
CA LEU B 280 -12.82 -4.20 12.00
C LEU B 280 -14.31 -4.19 12.35
N LEU B 281 -15.12 -3.69 11.43
CA LEU B 281 -16.59 -3.65 11.55
C LEU B 281 -17.16 -4.63 10.52
N ASP B 282 -17.80 -5.70 10.98
CA ASP B 282 -18.06 -6.94 10.16
C ASP B 282 -19.49 -7.55 10.39
N PRO B 283 -20.48 -7.23 9.54
CA PRO B 283 -20.49 -6.28 8.43
C PRO B 283 -20.54 -4.82 8.89
#